data_2IAZ
#
_entry.id   2IAZ
#
_cell.length_a   64.808
_cell.length_b   86.715
_cell.length_c   93.881
_cell.angle_alpha   90.00
_cell.angle_beta   90.00
_cell.angle_gamma   90.00
#
_symmetry.space_group_name_H-M   'P 21 21 21'
#
loop_
_entity.id
_entity.type
_entity.pdbx_description
1 polymer 'Hypothetical protein SP1372'
2 water water
#
_entity_poly.entity_id   1
_entity_poly.type   'polypeptide(L)'
_entity_poly.pdbx_seq_one_letter_code
;G(MSE)SNIYDSANELSRGLRGLPEYKAVKAAKDAIAADAEASKIFTDYLAFQEEIQKLAQTGQ(MSE)PDASFQAK
(MSE)EGFGKQIQGNSLLSEFFTKQQQLAIYLSDIEKIVFEPVSELLK
;
_entity_poly.pdbx_strand_id   A,B,C,D
#
# COMPACT_ATOMS: atom_id res chain seq x y z
N GLY A 1 37.15 -6.22 0.05
CA GLY A 1 35.73 -6.65 0.32
C GLY A 1 34.68 -5.60 -0.01
N SER A 3 35.51 -2.38 -1.25
CA SER A 3 35.91 -1.74 -2.50
C SER A 3 35.40 -2.55 -3.68
N ASN A 4 35.70 -3.86 -3.65
CA ASN A 4 35.13 -4.84 -4.56
C ASN A 4 33.65 -4.66 -4.80
N ILE A 5 32.86 -4.61 -3.73
CA ILE A 5 31.43 -4.45 -3.86
C ILE A 5 31.15 -3.18 -4.61
N TYR A 6 31.85 -2.12 -4.24
CA TYR A 6 31.61 -0.78 -4.83
C TYR A 6 32.10 -0.65 -6.28
N ASP A 7 33.21 -1.29 -6.61
CA ASP A 7 33.62 -1.42 -8.01
C ASP A 7 32.65 -2.21 -8.88
N SER A 8 32.12 -3.31 -8.37
CA SER A 8 31.28 -4.20 -9.16
C SER A 8 29.98 -3.52 -9.37
N ALA A 9 29.52 -2.89 -8.30
CA ALA A 9 28.35 -2.03 -8.32
C ALA A 9 28.45 -0.93 -9.39
N ASN A 10 29.58 -0.23 -9.46
CA ASN A 10 29.84 0.80 -10.48
C ASN A 10 29.81 0.20 -11.89
N GLU A 11 30.56 -0.87 -12.06
CA GLU A 11 30.55 -1.61 -13.32
C GLU A 11 29.18 -2.02 -13.80
N LEU A 12 28.37 -2.61 -12.92
CA LEU A 12 27.04 -3.02 -13.27
C LEU A 12 26.17 -1.81 -13.59
N SER A 13 26.26 -0.78 -12.77
CA SER A 13 25.55 0.46 -12.99
C SER A 13 25.79 1.08 -14.36
N ARG A 14 27.06 1.24 -14.71
CA ARG A 14 27.43 1.78 -16.04
C ARG A 14 26.99 0.81 -17.14
N GLY A 15 27.13 -0.50 -16.91
CA GLY A 15 26.62 -1.47 -17.85
C GLY A 15 25.12 -1.34 -18.12
N LEU A 16 24.33 -1.14 -17.09
CA LEU A 16 22.89 -1.06 -17.28
C LEU A 16 22.52 0.21 -18.04
N ARG A 17 23.18 1.32 -17.71
CA ARG A 17 23.00 2.59 -18.42
C ARG A 17 23.45 2.51 -19.89
N GLY A 18 24.38 1.63 -20.20
CA GLY A 18 24.83 1.40 -21.58
C GLY A 18 24.05 0.36 -22.40
N LEU A 19 23.05 -0.28 -21.79
CA LEU A 19 22.20 -1.26 -22.48
C LEU A 19 21.37 -0.56 -23.54
N PRO A 20 21.27 -1.14 -24.75
CA PRO A 20 20.36 -0.47 -25.69
C PRO A 20 18.90 -0.32 -25.21
N GLU A 21 18.44 -1.27 -24.41
CA GLU A 21 17.12 -1.21 -23.85
C GLU A 21 16.94 -0.03 -22.89
N TYR A 22 17.96 0.28 -22.09
CA TYR A 22 17.92 1.44 -21.23
C TYR A 22 17.87 2.73 -22.07
N LYS A 23 18.75 2.79 -23.07
CA LYS A 23 18.81 3.97 -23.92
C LYS A 23 17.47 4.14 -24.68
N ALA A 24 16.91 3.05 -25.21
CA ALA A 24 15.65 3.13 -25.94
C ALA A 24 14.55 3.78 -25.07
N VAL A 25 14.47 3.39 -23.80
CA VAL A 25 13.50 3.95 -22.85
C VAL A 25 13.77 5.43 -22.54
N LYS A 26 15.03 5.80 -22.33
CA LYS A 26 15.36 7.21 -22.04
C LYS A 26 15.04 8.10 -23.22
N ALA A 27 15.40 7.65 -24.42
CA ALA A 27 15.08 8.38 -25.66
C ALA A 27 13.56 8.53 -25.85
N ALA A 28 12.78 7.50 -25.54
CA ALA A 28 11.33 7.56 -25.66
C ALA A 28 10.68 8.46 -24.61
N LYS A 29 11.25 8.54 -23.43
CA LYS A 29 10.72 9.42 -22.39
C LYS A 29 11.04 10.88 -22.73
N ASP A 30 12.23 11.11 -23.28
CA ASP A 30 12.64 12.42 -23.79
C ASP A 30 11.71 12.92 -24.90
N ALA A 31 11.33 12.01 -25.81
CA ALA A 31 10.40 12.34 -26.91
C ALA A 31 9.02 12.78 -26.39
N ILE A 32 8.55 12.14 -25.32
CA ILE A 32 7.33 12.56 -24.62
C ILE A 32 7.59 13.96 -24.05
N ALA A 33 8.65 14.13 -23.25
CA ALA A 33 8.99 15.48 -22.72
C ALA A 33 8.97 16.62 -23.79
N ALA A 34 9.36 16.30 -25.04
CA ALA A 34 9.36 17.26 -26.17
C ALA A 34 8.05 17.39 -26.94
N ASP A 35 7.07 16.50 -26.70
CA ASP A 35 5.78 16.54 -27.39
C ASP A 35 4.71 17.02 -26.41
N ALA A 36 4.23 18.25 -26.62
CA ALA A 36 3.28 18.87 -25.68
C ALA A 36 2.04 17.98 -25.36
N GLU A 37 1.60 17.22 -26.36
CA GLU A 37 0.42 16.37 -26.24
C GLU A 37 0.62 15.13 -25.39
N ALA A 38 1.70 14.40 -25.70
CA ALA A 38 2.12 13.22 -24.95
C ALA A 38 2.50 13.60 -23.55
N SER A 39 3.18 14.73 -23.39
CA SER A 39 3.61 15.17 -22.06
C SER A 39 2.41 15.27 -21.14
N LYS A 40 1.30 15.78 -21.65
CA LYS A 40 0.12 16.05 -20.84
C LYS A 40 -0.56 14.73 -20.53
N ILE A 41 -0.78 13.87 -21.53
CA ILE A 41 -1.38 12.55 -21.22
C ILE A 41 -0.58 11.82 -20.14
N PHE A 42 0.74 11.83 -20.32
CA PHE A 42 1.64 11.17 -19.37
C PHE A 42 1.54 11.72 -17.93
N THR A 43 1.55 13.06 -17.83
CA THR A 43 1.30 13.77 -16.59
C THR A 43 -0.04 13.35 -16.00
N ASP A 44 -1.08 13.38 -16.82
CA ASP A 44 -2.40 12.94 -16.37
C ASP A 44 -2.34 11.54 -15.81
N TYR A 45 -1.71 10.64 -16.56
CA TYR A 45 -1.59 9.23 -16.16
C TYR A 45 -0.86 9.04 -14.83
N LEU A 46 0.26 9.76 -14.67
CA LEU A 46 0.96 9.95 -13.37
C LEU A 46 0.02 10.36 -12.21
N ALA A 47 -0.88 11.29 -12.53
CA ALA A 47 -1.84 11.80 -11.56
C ALA A 47 -2.94 10.79 -11.24
N PHE A 48 -3.18 9.85 -12.15
CA PHE A 48 -4.13 8.75 -11.93
C PHE A 48 -3.56 7.76 -10.90
N GLN A 49 -2.25 7.80 -10.70
CA GLN A 49 -1.58 6.95 -9.72
C GLN A 49 -2.06 7.15 -8.26
N GLU A 50 -2.40 8.39 -7.90
CA GLU A 50 -3.00 8.63 -6.58
C GLU A 50 -4.41 7.99 -6.46
N GLU A 51 -5.06 7.75 -7.59
CA GLU A 51 -6.38 7.07 -7.61
C GLU A 51 -6.29 5.55 -7.44
N ILE A 52 -5.14 4.97 -7.72
CA ILE A 52 -5.00 3.53 -7.49
C ILE A 52 -4.62 3.31 -6.00
N GLN A 53 -4.33 4.40 -5.29
CA GLN A 53 -4.19 4.37 -3.83
C GLN A 53 -5.56 4.36 -3.18
N LYS A 54 -6.34 5.43 -3.41
CA LYS A 54 -7.79 5.47 -3.14
C LYS A 54 -8.54 4.15 -3.38
N LEU A 55 -7.96 3.27 -4.21
CA LEU A 55 -8.51 1.95 -4.48
C LEU A 55 -8.51 1.04 -3.22
N ALA A 56 -8.10 1.59 -2.06
CA ALA A 56 -8.43 1.06 -0.71
C ALA A 56 -9.92 0.68 -0.53
N PRO A 62 -16.16 -4.53 -7.42
CA PRO A 62 -15.60 -3.83 -8.58
C PRO A 62 -15.96 -2.34 -8.68
N ASP A 63 -14.94 -1.47 -8.71
CA ASP A 63 -15.10 -0.03 -8.88
C ASP A 63 -15.16 0.24 -10.38
N ALA A 64 -16.35 0.55 -10.84
CA ALA A 64 -16.68 0.73 -12.24
C ALA A 64 -16.06 2.01 -12.76
N SER A 65 -15.92 3.00 -11.89
CA SER A 65 -15.39 4.31 -12.26
C SER A 65 -13.92 4.18 -12.56
N PHE A 66 -13.27 3.48 -11.64
CA PHE A 66 -11.89 3.15 -11.81
C PHE A 66 -11.64 2.31 -13.05
N GLN A 67 -12.48 1.32 -13.36
CA GLN A 67 -12.12 0.50 -14.52
C GLN A 67 -12.20 1.39 -15.73
N ALA A 68 -13.25 2.19 -15.85
CA ALA A 68 -13.48 3.08 -17.00
C ALA A 68 -12.35 4.10 -17.22
N LYS A 69 -11.93 4.75 -16.14
CA LYS A 69 -10.82 5.70 -16.18
C LYS A 69 -9.52 5.02 -16.58
N GLU A 71 -9.21 1.97 -18.18
CA GLU A 71 -9.44 1.59 -19.56
C GLU A 71 -9.21 2.79 -20.51
N GLY A 72 -9.61 4.00 -20.06
CA GLY A 72 -9.52 5.20 -20.86
C GLY A 72 -8.11 5.67 -21.15
N PHE A 73 -7.28 5.70 -20.13
CA PHE A 73 -5.86 6.00 -20.29
C PHE A 73 -5.11 4.99 -21.16
N GLY A 74 -5.59 3.75 -21.15
CA GLY A 74 -4.97 2.69 -21.92
C GLY A 74 -5.14 2.97 -23.37
N LYS A 75 -6.36 3.34 -23.75
CA LYS A 75 -6.69 3.72 -25.10
C LYS A 75 -5.97 5.00 -25.52
N GLN A 76 -5.91 6.01 -24.65
CA GLN A 76 -5.10 7.21 -24.90
C GLN A 76 -3.64 6.82 -25.17
N ILE A 77 -3.15 5.77 -24.51
CA ILE A 77 -1.75 5.33 -24.64
C ILE A 77 -1.58 4.63 -25.99
N GLN A 78 -2.43 3.66 -26.28
CA GLN A 78 -2.36 2.96 -27.57
C GLN A 78 -2.60 3.90 -28.72
N GLY A 79 -3.32 5.00 -28.53
CA GLY A 79 -3.53 5.92 -29.61
C GLY A 79 -2.40 6.91 -29.87
N ASN A 80 -1.45 6.98 -28.95
CA ASN A 80 -0.32 7.88 -29.05
C ASN A 80 0.96 7.10 -29.24
N SER A 81 1.64 7.33 -30.35
CA SER A 81 2.79 6.53 -30.74
C SER A 81 3.96 6.67 -29.78
N LEU A 82 4.21 7.88 -29.32
CA LEU A 82 5.28 8.16 -28.36
C LEU A 82 5.00 7.43 -27.06
N LEU A 83 3.74 7.45 -26.63
CA LEU A 83 3.36 6.75 -25.39
C LEU A 83 3.46 5.23 -25.52
N SER A 84 2.92 4.67 -26.61
CA SER A 84 2.97 3.22 -26.80
C SER A 84 4.41 2.73 -27.02
N GLU A 85 5.28 3.58 -27.56
CA GLU A 85 6.71 3.27 -27.67
C GLU A 85 7.40 3.26 -26.29
N PHE A 86 7.08 4.22 -25.43
CA PHE A 86 7.66 4.26 -24.09
C PHE A 86 7.32 2.99 -23.24
N PHE A 87 6.03 2.72 -23.14
CA PHE A 87 5.58 1.54 -22.36
C PHE A 87 6.09 0.17 -22.83
N THR A 88 6.16 -0.02 -24.16
CA THR A 88 6.67 -1.26 -24.75
C THR A 88 8.14 -1.47 -24.43
N LYS A 89 8.90 -0.38 -24.56
CA LYS A 89 10.33 -0.37 -24.34
C LYS A 89 10.63 -0.49 -22.86
N GLN A 90 9.89 0.24 -22.04
CA GLN A 90 9.98 0.16 -20.60
C GLN A 90 9.77 -1.28 -20.12
N GLN A 91 8.84 -2.00 -20.74
CA GLN A 91 8.62 -3.39 -20.38
C GLN A 91 9.81 -4.29 -20.71
N GLN A 92 10.34 -4.15 -21.93
CA GLN A 92 11.56 -4.86 -22.32
C GLN A 92 12.73 -4.67 -21.38
N LEU A 93 12.93 -3.43 -20.95
CA LEU A 93 13.94 -3.09 -19.95
C LEU A 93 13.65 -3.78 -18.58
N ALA A 94 12.41 -3.68 -18.13
CA ALA A 94 11.96 -4.19 -16.84
C ALA A 94 12.27 -5.69 -16.61
N ILE A 95 12.25 -6.45 -17.69
CA ILE A 95 12.59 -7.87 -17.75
C ILE A 95 14.11 -8.09 -17.55
N TYR A 96 14.95 -7.26 -18.17
CA TYR A 96 16.40 -7.27 -17.90
C TYR A 96 16.69 -6.92 -16.47
N LEU A 97 16.12 -5.81 -16.02
CA LEU A 97 16.44 -5.31 -14.69
C LEU A 97 16.11 -6.37 -13.67
N SER A 98 15.00 -7.05 -13.90
CA SER A 98 14.47 -8.00 -12.95
C SER A 98 15.33 -9.26 -12.88
N ASP A 99 15.85 -9.66 -14.02
CA ASP A 99 16.86 -10.70 -14.17
C ASP A 99 18.11 -10.41 -13.34
N ILE A 100 18.64 -9.21 -13.54
CA ILE A 100 19.81 -8.75 -12.82
C ILE A 100 19.60 -8.67 -11.31
N GLU A 101 18.48 -8.12 -10.88
CA GLU A 101 18.12 -8.03 -9.47
C GLU A 101 18.16 -9.42 -8.82
N LYS A 102 17.61 -10.42 -9.52
CA LYS A 102 17.63 -11.81 -9.04
C LYS A 102 19.03 -12.32 -8.76
N ILE A 103 19.94 -12.08 -9.71
CA ILE A 103 21.34 -12.40 -9.56
C ILE A 103 21.99 -11.67 -8.37
N VAL A 104 21.88 -10.34 -8.34
CA VAL A 104 22.56 -9.54 -7.33
C VAL A 104 22.13 -9.90 -5.88
N PHE A 105 20.87 -10.28 -5.69
CA PHE A 105 20.28 -10.41 -4.36
C PHE A 105 19.92 -11.82 -3.95
N GLU A 106 20.36 -12.74 -4.78
CA GLU A 106 20.29 -14.14 -4.50
C GLU A 106 20.87 -14.46 -3.11
N PRO A 107 22.01 -13.85 -2.73
CA PRO A 107 22.48 -14.08 -1.36
C PRO A 107 21.53 -13.57 -0.26
N VAL A 108 20.72 -12.56 -0.56
CA VAL A 108 19.72 -12.06 0.39
C VAL A 108 18.54 -13.03 0.44
N SER A 109 18.02 -13.42 -0.73
CA SER A 109 17.04 -14.56 -0.81
C SER A 109 17.34 -15.77 0.07
N GLU A 110 18.60 -16.14 0.17
CA GLU A 110 18.98 -17.29 0.96
C GLU A 110 18.79 -17.07 2.41
N LEU A 111 18.80 -15.80 2.80
CA LEU A 111 18.54 -15.41 4.17
C LEU A 111 17.06 -15.52 4.55
N LEU A 112 16.14 -15.72 3.61
CA LEU A 112 14.71 -15.80 3.94
C LEU A 112 14.19 -17.25 3.92
N GLY B 1 -36.16 9.61 0.54
CA GLY B 1 -35.51 8.41 -0.16
C GLY B 1 -33.97 8.51 -0.18
N SER B 3 -33.03 11.66 0.66
CA SER B 3 -33.13 12.38 1.93
C SER B 3 -33.01 11.51 3.15
N ASN B 4 -33.56 10.30 3.10
CA ASN B 4 -33.42 9.38 4.21
C ASN B 4 -31.96 9.05 4.44
N ILE B 5 -31.27 8.65 3.39
CA ILE B 5 -29.84 8.36 3.50
C ILE B 5 -29.03 9.51 4.17
N TYR B 6 -29.23 10.74 3.71
CA TYR B 6 -28.47 11.89 4.20
C TYR B 6 -28.92 12.39 5.59
N ASP B 7 -30.21 12.29 5.88
CA ASP B 7 -30.74 12.54 7.23
C ASP B 7 -30.10 11.62 8.25
N SER B 8 -30.05 10.32 7.94
CA SER B 8 -29.53 9.31 8.87
C SER B 8 -28.05 9.35 8.96
N ALA B 9 -27.38 9.62 7.85
CA ALA B 9 -25.93 9.83 7.87
C ALA B 9 -25.58 11.05 8.74
N ASN B 10 -26.34 12.12 8.62
CA ASN B 10 -26.07 13.26 9.45
C ASN B 10 -26.27 13.05 10.95
N GLU B 11 -27.34 12.37 11.32
CA GLU B 11 -27.62 12.13 12.72
C GLU B 11 -26.70 11.07 13.28
N LEU B 12 -26.31 10.09 12.45
CA LEU B 12 -25.26 9.18 12.89
C LEU B 12 -23.97 9.97 13.18
N SER B 13 -23.63 10.88 12.28
CA SER B 13 -22.47 11.73 12.49
C SER B 13 -22.55 12.55 13.79
N ARG B 14 -23.62 13.32 13.96
CA ARG B 14 -23.79 14.13 15.15
C ARG B 14 -23.64 13.29 16.39
N GLY B 15 -24.34 12.16 16.43
CA GLY B 15 -24.29 11.19 17.56
C GLY B 15 -22.89 10.79 18.00
N LEU B 16 -22.03 10.58 17.01
CA LEU B 16 -20.64 10.13 17.19
C LEU B 16 -19.74 11.26 17.70
N ARG B 17 -20.02 12.47 17.24
CA ARG B 17 -19.33 13.67 17.69
C ARG B 17 -19.74 14.03 19.14
N GLY B 18 -20.88 13.52 19.57
CA GLY B 18 -21.35 13.69 20.92
C GLY B 18 -20.76 12.68 21.89
N LEU B 19 -20.04 11.69 21.38
CA LEU B 19 -19.51 10.65 22.27
C LEU B 19 -18.36 11.22 23.09
N PRO B 20 -18.33 10.89 24.39
CA PRO B 20 -17.23 11.37 25.24
C PRO B 20 -15.87 11.07 24.65
N GLU B 21 -15.78 9.97 23.91
CA GLU B 21 -14.55 9.50 23.23
C GLU B 21 -14.14 10.37 22.07
N TYR B 22 -15.12 10.93 21.34
CA TYR B 22 -14.86 11.92 20.29
C TYR B 22 -14.40 13.23 20.90
N LYS B 23 -15.19 13.77 21.81
CA LYS B 23 -14.82 14.95 22.59
C LYS B 23 -13.41 14.85 23.15
N ALA B 24 -13.07 13.71 23.74
CA ALA B 24 -11.75 13.52 24.35
C ALA B 24 -10.59 13.55 23.34
N VAL B 25 -10.72 12.87 22.18
CA VAL B 25 -9.69 12.86 21.12
C VAL B 25 -9.43 14.26 20.54
N LYS B 26 -10.51 14.97 20.28
CA LYS B 26 -10.46 16.34 19.76
C LYS B 26 -9.79 17.28 20.77
N ALA B 27 -10.18 17.22 22.04
CA ALA B 27 -9.55 18.06 23.05
C ALA B 27 -8.04 17.70 23.19
N ALA B 28 -7.74 16.41 23.19
CA ALA B 28 -6.40 15.90 23.17
C ALA B 28 -5.56 16.41 21.95
N LYS B 29 -6.14 16.49 20.75
CA LYS B 29 -5.41 17.05 19.61
C LYS B 29 -5.07 18.49 19.84
N ASP B 30 -6.03 19.22 20.42
CA ASP B 30 -5.84 20.65 20.70
C ASP B 30 -4.74 20.86 21.72
N ALA B 31 -4.70 20.00 22.74
CA ALA B 31 -3.65 20.06 23.77
C ALA B 31 -2.25 19.68 23.22
N ILE B 32 -2.15 18.72 22.28
CA ILE B 32 -0.86 18.48 21.58
C ILE B 32 -0.42 19.73 20.85
N ALA B 33 -1.27 20.31 20.03
CA ALA B 33 -0.95 21.57 19.32
C ALA B 33 -0.52 22.74 20.23
N ALA B 34 -1.07 22.85 21.42
CA ALA B 34 -0.66 23.94 22.36
C ALA B 34 0.64 23.67 23.06
N ASP B 35 1.13 22.44 22.95
CA ASP B 35 2.30 22.02 23.69
C ASP B 35 3.47 21.84 22.76
N ALA B 36 4.54 22.62 22.97
CA ALA B 36 5.74 22.54 22.13
C ALA B 36 6.27 21.11 22.03
N GLU B 37 6.49 20.51 23.18
CA GLU B 37 7.08 19.20 23.20
C GLU B 37 6.20 18.10 22.52
N ALA B 38 4.96 17.94 22.98
CA ALA B 38 4.00 17.04 22.31
C ALA B 38 3.91 17.30 20.79
N SER B 39 3.80 18.56 20.40
CA SER B 39 3.59 18.92 19.03
C SER B 39 4.74 18.51 18.14
N LYS B 40 5.96 18.64 18.64
CA LYS B 40 7.13 18.32 17.86
C LYS B 40 7.23 16.81 17.59
N ILE B 41 6.94 16.00 18.60
CA ILE B 41 6.94 14.52 18.46
C ILE B 41 5.83 14.10 17.50
N PHE B 42 4.67 14.76 17.58
CA PHE B 42 3.53 14.44 16.70
C PHE B 42 3.86 14.68 15.23
N THR B 43 4.48 15.84 14.98
CA THR B 43 4.92 16.27 13.65
C THR B 43 5.97 15.33 13.09
N ASP B 44 6.91 14.91 13.92
CA ASP B 44 7.90 13.90 13.50
C ASP B 44 7.31 12.49 13.26
N TYR B 45 6.38 12.05 14.07
CA TYR B 45 5.71 10.78 13.82
C TYR B 45 4.92 10.80 12.52
N LEU B 46 4.16 11.87 12.33
CA LEU B 46 3.57 12.22 11.04
C LEU B 46 4.56 12.15 9.88
N ALA B 47 5.73 12.79 9.99
CA ALA B 47 6.77 12.71 8.95
C ALA B 47 7.36 11.28 8.79
N PHE B 48 7.33 10.49 9.87
CA PHE B 48 7.83 9.12 9.84
C PHE B 48 6.88 8.20 9.03
N GLN B 49 5.64 8.66 8.88
CA GLN B 49 4.66 7.90 8.12
C GLN B 49 5.18 7.48 6.73
N GLU B 50 5.98 8.31 6.08
CA GLU B 50 6.43 7.93 4.77
C GLU B 50 7.54 6.86 4.78
N GLU B 51 8.36 6.82 5.82
CA GLU B 51 9.25 5.67 6.04
C GLU B 51 8.51 4.32 6.11
N ILE B 52 7.23 4.34 6.42
CA ILE B 52 6.42 3.11 6.43
C ILE B 52 6.06 2.68 4.99
N GLN B 53 5.95 3.65 4.08
CA GLN B 53 5.67 3.36 2.66
C GLN B 53 6.95 2.88 1.95
N LYS B 54 8.10 3.48 2.27
CA LYS B 54 9.40 2.88 1.93
C LYS B 54 9.47 1.37 2.24
N LEU B 55 9.29 1.04 3.51
CA LEU B 55 9.27 -0.36 3.94
C LEU B 55 8.71 -1.26 2.85
N ALA B 56 7.48 -0.96 2.42
CA ALA B 56 6.77 -1.83 1.49
C ALA B 56 7.05 -1.46 0.05
N GLN B 57 8.33 -1.24 -0.27
CA GLN B 57 8.99 -1.97 -1.34
C GLN B 57 10.24 -2.69 -0.83
N THR B 58 10.88 -2.11 0.19
CA THR B 58 12.15 -2.61 0.67
C THR B 58 11.98 -3.39 1.98
N GLY B 59 11.32 -4.54 1.90
CA GLY B 59 10.88 -5.26 3.10
C GLY B 59 10.51 -6.71 2.83
N GLN B 60 11.52 -7.53 2.54
CA GLN B 60 11.41 -9.00 2.48
C GLN B 60 12.00 -9.60 3.78
N PRO B 62 13.43 -8.68 7.77
CA PRO B 62 13.09 -7.70 8.81
C PRO B 62 14.03 -6.50 8.78
N ASP B 63 13.46 -5.30 8.76
CA ASP B 63 14.19 -4.04 8.67
C ASP B 63 14.48 -3.52 10.08
N ALA B 64 15.71 -3.73 10.51
CA ALA B 64 16.13 -3.44 11.86
C ALA B 64 16.21 -1.94 12.16
N SER B 65 16.52 -1.11 11.16
CA SER B 65 16.55 0.34 11.37
C SER B 65 15.15 0.82 11.66
N PHE B 66 14.23 0.39 10.79
CA PHE B 66 12.85 0.73 10.92
C PHE B 66 12.29 0.32 12.28
N GLN B 67 12.62 -0.89 12.70
CA GLN B 67 12.13 -1.43 13.96
C GLN B 67 12.55 -0.48 15.09
N ALA B 68 13.84 -0.15 15.13
CA ALA B 68 14.39 0.67 16.21
C ALA B 68 13.74 2.04 16.21
N LYS B 69 13.57 2.58 15.01
CA LYS B 69 13.05 3.93 14.81
C LYS B 69 11.58 3.99 15.19
N GLU B 71 9.96 1.78 17.22
CA GLU B 71 10.06 1.56 18.68
C GLU B 71 10.47 2.79 19.49
N GLY B 72 11.37 3.61 18.94
CA GLY B 72 11.82 4.81 19.61
C GLY B 72 10.69 5.79 19.78
N PHE B 73 10.02 6.07 18.65
CA PHE B 73 8.83 6.91 18.59
C PHE B 73 7.71 6.43 19.52
N GLY B 74 7.59 5.12 19.64
CA GLY B 74 6.61 4.52 20.52
C GLY B 74 6.83 4.92 21.93
N LYS B 75 8.08 4.88 22.34
CA LYS B 75 8.46 5.13 23.72
C LYS B 75 8.31 6.60 24.05
N GLN B 76 8.61 7.46 23.09
CA GLN B 76 8.29 8.87 23.22
C GLN B 76 6.79 9.14 23.45
N ILE B 77 5.95 8.39 22.75
CA ILE B 77 4.51 8.58 22.86
C ILE B 77 4.01 8.14 24.22
N GLN B 78 4.46 6.97 24.64
CA GLN B 78 4.11 6.45 25.97
C GLN B 78 4.57 7.31 27.11
N GLY B 79 5.68 8.00 26.94
CA GLY B 79 6.14 8.88 28.01
C GLY B 79 5.59 10.28 28.00
N ASN B 80 4.69 10.58 27.09
CA ASN B 80 4.10 11.88 26.97
C ASN B 80 2.62 11.68 27.17
N SER B 81 2.09 12.31 28.21
CA SER B 81 0.70 12.16 28.60
C SER B 81 -0.30 12.66 27.57
N LEU B 82 0.07 13.73 26.87
CA LEU B 82 -0.79 14.33 25.86
C LEU B 82 -0.87 13.39 24.66
N LEU B 83 0.24 12.77 24.31
CA LEU B 83 0.24 11.91 23.14
C LEU B 83 -0.42 10.58 23.44
N SER B 84 -0.14 10.00 24.59
CA SER B 84 -0.75 8.72 24.83
C SER B 84 -2.28 8.90 25.01
N GLU B 85 -2.73 9.96 25.68
CA GLU B 85 -4.15 10.31 25.69
C GLU B 85 -4.81 10.36 24.31
N PHE B 86 -4.21 11.10 23.38
CA PHE B 86 -4.71 11.13 22.00
C PHE B 86 -4.88 9.78 21.30
N PHE B 87 -3.82 8.98 21.32
CA PHE B 87 -3.83 7.67 20.70
C PHE B 87 -4.69 6.66 21.43
N THR B 88 -4.86 6.74 22.73
CA THR B 88 -5.74 5.74 23.34
C THR B 88 -7.22 6.13 23.12
N LYS B 89 -7.52 7.44 23.17
CA LYS B 89 -8.87 7.87 22.88
C LYS B 89 -9.18 7.63 21.43
N GLN B 90 -8.19 7.79 20.55
CA GLN B 90 -8.44 7.59 19.11
C GLN B 90 -8.81 6.12 18.87
N GLN B 91 -8.10 5.26 19.57
CA GLN B 91 -8.28 3.83 19.43
C GLN B 91 -9.66 3.41 19.93
N GLN B 92 -10.09 3.93 21.06
CA GLN B 92 -11.40 3.59 21.57
C GLN B 92 -12.52 3.98 20.61
N LEU B 93 -12.34 5.11 19.97
CA LEU B 93 -13.31 5.60 19.00
C LEU B 93 -13.31 4.73 17.78
N ALA B 94 -12.14 4.32 17.31
CA ALA B 94 -12.06 3.54 16.07
C ALA B 94 -12.63 2.14 16.31
N ILE B 95 -12.58 1.68 17.57
CA ILE B 95 -13.20 0.41 17.92
C ILE B 95 -14.73 0.55 17.76
N TYR B 96 -15.29 1.62 18.27
CA TYR B 96 -16.73 1.79 18.23
C TYR B 96 -17.21 2.04 16.82
N LEU B 97 -16.48 2.84 16.07
CA LEU B 97 -16.83 3.08 14.67
C LEU B 97 -16.81 1.82 13.82
N SER B 98 -16.01 0.85 14.23
CA SER B 98 -15.86 -0.37 13.44
C SER B 98 -17.11 -1.26 13.51
N ASP B 99 -17.77 -1.24 14.64
CA ASP B 99 -19.04 -1.93 14.79
C ASP B 99 -20.19 -1.20 14.08
N ILE B 100 -20.12 0.12 14.04
CA ILE B 100 -21.08 0.91 13.27
C ILE B 100 -20.92 0.62 11.77
N GLU B 101 -19.69 0.60 11.30
CA GLU B 101 -19.34 0.20 9.92
C GLU B 101 -20.05 -1.05 9.50
N LYS B 102 -19.96 -2.06 10.37
CA LYS B 102 -20.52 -3.40 10.11
C LYS B 102 -22.03 -3.34 9.83
N ILE B 103 -22.73 -2.56 10.66
CA ILE B 103 -24.18 -2.31 10.52
C ILE B 103 -24.45 -1.53 9.23
N VAL B 104 -23.78 -0.40 9.09
CA VAL B 104 -24.07 0.47 7.97
C VAL B 104 -23.85 -0.21 6.61
N PHE B 105 -22.75 -0.95 6.48
CA PHE B 105 -22.38 -1.53 5.19
C PHE B 105 -22.78 -2.99 5.01
N GLU B 106 -23.55 -3.54 5.95
CA GLU B 106 -24.12 -4.87 5.77
C GLU B 106 -24.85 -5.08 4.42
N PRO B 107 -25.70 -4.12 3.99
CA PRO B 107 -26.28 -4.21 2.64
C PRO B 107 -25.26 -4.29 1.50
N VAL B 108 -24.08 -3.70 1.68
CA VAL B 108 -23.00 -3.88 0.70
C VAL B 108 -22.34 -5.29 0.73
N SER B 109 -21.98 -5.78 1.92
CA SER B 109 -21.60 -7.21 2.12
C SER B 109 -22.58 -8.14 1.44
N GLU B 110 -23.85 -7.87 1.59
CA GLU B 110 -24.81 -8.70 0.93
C GLU B 110 -24.53 -8.79 -0.59
N LEU B 111 -23.92 -7.74 -1.17
CA LEU B 111 -23.58 -7.67 -2.64
C LEU B 111 -22.24 -8.30 -3.06
N LEU B 112 -21.32 -8.47 -2.11
CA LEU B 112 -20.08 -9.18 -2.39
C LEU B 112 -20.34 -10.69 -2.56
N LYS B 113 -21.32 -11.23 -1.83
CA LYS B 113 -21.69 -12.65 -1.94
C LYS B 113 -22.31 -12.94 -3.31
N SER C 3 32.83 -5.43 -20.25
CA SER C 3 32.53 -5.65 -18.80
C SER C 3 31.02 -5.98 -18.65
N ASN C 4 30.50 -7.03 -19.28
CA ASN C 4 29.03 -7.10 -19.44
C ASN C 4 28.24 -7.25 -18.15
N ILE C 5 26.92 -7.05 -18.25
CA ILE C 5 26.01 -6.95 -17.10
C ILE C 5 25.89 -8.21 -16.26
N TYR C 6 25.90 -9.38 -16.86
CA TYR C 6 25.70 -10.61 -16.12
C TYR C 6 26.92 -10.91 -15.24
N ASP C 7 28.11 -10.64 -15.82
CA ASP C 7 29.40 -10.80 -15.17
C ASP C 7 29.59 -9.88 -14.00
N SER C 8 29.22 -8.62 -14.19
CA SER C 8 29.24 -7.64 -13.11
C SER C 8 28.27 -8.00 -12.01
N ALA C 9 27.10 -8.51 -12.38
CA ALA C 9 26.03 -8.81 -11.43
C ALA C 9 26.37 -10.03 -10.61
N ASN C 10 27.05 -10.98 -11.24
CA ASN C 10 27.55 -12.17 -10.55
C ASN C 10 28.73 -11.88 -9.64
N GLU C 11 29.66 -11.07 -10.14
CA GLU C 11 30.79 -10.54 -9.36
C GLU C 11 30.26 -9.80 -8.16
N LEU C 12 29.18 -9.05 -8.36
CA LEU C 12 28.64 -8.24 -7.28
C LEU C 12 28.05 -9.15 -6.20
N SER C 13 27.26 -10.16 -6.59
CA SER C 13 26.66 -11.04 -5.58
C SER C 13 27.69 -11.85 -4.81
N ARG C 14 28.76 -12.30 -5.48
CA ARG C 14 29.89 -12.93 -4.81
C ARG C 14 30.59 -12.01 -3.81
N GLY C 15 30.69 -10.72 -4.09
CA GLY C 15 31.21 -9.75 -3.12
C GLY C 15 30.34 -9.65 -1.88
N LEU C 16 29.05 -9.62 -2.09
CA LEU C 16 28.12 -9.69 -1.01
C LEU C 16 28.36 -10.89 -0.11
N ARG C 17 28.47 -12.06 -0.70
CA ARG C 17 28.74 -13.28 0.03
C ARG C 17 30.00 -13.17 0.88
N GLY C 18 30.95 -12.39 0.35
CA GLY C 18 32.24 -12.16 1.01
C GLY C 18 32.25 -11.13 2.12
N LEU C 19 31.26 -10.25 2.18
CA LEU C 19 31.21 -9.26 3.24
C LEU C 19 31.10 -9.92 4.58
N PRO C 20 31.95 -9.54 5.53
CA PRO C 20 31.73 -9.98 6.92
C PRO C 20 30.38 -9.65 7.44
N GLU C 21 29.83 -8.53 7.02
CA GLU C 21 28.49 -8.16 7.39
C GLU C 21 27.45 -9.17 6.93
N TYR C 22 27.63 -9.67 5.72
CA TYR C 22 26.78 -10.74 5.23
C TYR C 22 26.98 -11.99 6.07
N LYS C 23 28.21 -12.41 6.20
CA LYS C 23 28.52 -13.65 6.87
C LYS C 23 27.92 -13.67 8.29
N ALA C 24 27.99 -12.52 8.96
CA ALA C 24 27.51 -12.35 10.33
C ALA C 24 26.00 -12.40 10.39
N VAL C 25 25.32 -11.97 9.34
CA VAL C 25 23.87 -12.08 9.27
C VAL C 25 23.45 -13.55 8.96
N LYS C 26 24.15 -14.22 8.05
CA LYS C 26 23.81 -15.63 7.77
C LYS C 26 23.96 -16.46 9.02
N ALA C 27 25.06 -16.28 9.74
CA ALA C 27 25.31 -17.00 11.00
C ALA C 27 24.16 -16.80 12.02
N ALA C 28 23.70 -15.55 12.18
CA ALA C 28 22.60 -15.23 13.11
C ALA C 28 21.21 -15.69 12.65
N LYS C 29 21.02 -15.80 11.35
CA LYS C 29 19.75 -16.35 10.83
C LYS C 29 19.73 -17.85 11.04
N ASP C 30 20.83 -18.54 10.74
CA ASP C 30 20.89 -19.99 10.97
C ASP C 30 20.67 -20.34 12.45
N ALA C 31 21.35 -19.65 13.35
CA ALA C 31 21.17 -19.86 14.78
C ALA C 31 19.69 -19.73 15.16
N ILE C 32 19.07 -18.67 14.69
CA ILE C 32 17.63 -18.45 14.87
C ILE C 32 16.81 -19.60 14.32
N ALA C 33 17.18 -20.08 13.13
CA ALA C 33 16.48 -21.21 12.48
C ALA C 33 16.43 -22.46 13.37
N ALA C 34 17.45 -22.64 14.21
CA ALA C 34 17.59 -23.83 15.07
C ALA C 34 16.98 -23.69 16.47
N ASP C 35 16.21 -22.63 16.71
CA ASP C 35 15.58 -22.37 18.02
C ASP C 35 14.11 -21.98 17.82
N ALA C 36 13.20 -22.84 18.29
CA ALA C 36 11.73 -22.68 18.19
C ALA C 36 11.24 -21.39 18.80
N GLU C 37 11.79 -21.08 19.97
CA GLU C 37 11.56 -19.79 20.64
C GLU C 37 11.77 -18.61 19.66
N ALA C 38 13.02 -18.43 19.25
CA ALA C 38 13.47 -17.32 18.38
C ALA C 38 12.79 -17.34 17.01
N SER C 39 12.52 -18.54 16.49
CA SER C 39 11.93 -18.70 15.15
C SER C 39 10.50 -18.23 15.04
N LYS C 40 9.70 -18.56 16.06
CA LYS C 40 8.31 -18.12 16.05
C LYS C 40 8.22 -16.60 16.20
N ILE C 41 8.98 -16.01 17.11
CA ILE C 41 9.04 -14.53 17.16
C ILE C 41 9.46 -13.95 15.81
N PHE C 42 10.51 -14.52 15.20
CA PHE C 42 10.95 -14.07 13.87
C PHE C 42 9.78 -14.15 12.87
N THR C 43 9.19 -15.32 12.74
CA THR C 43 8.04 -15.51 11.87
C THR C 43 6.92 -14.49 12.17
N ASP C 44 6.62 -14.30 13.45
CA ASP C 44 5.61 -13.32 13.86
C ASP C 44 6.02 -11.86 13.53
N TYR C 45 7.28 -11.53 13.81
CA TYR C 45 7.73 -10.19 13.54
C TYR C 45 7.49 -9.85 12.07
N LEU C 46 7.94 -10.73 11.20
CA LEU C 46 7.80 -10.60 9.74
C LEU C 46 6.33 -10.47 9.29
N ALA C 47 5.44 -11.24 9.91
CA ALA C 47 4.01 -11.12 9.64
C ALA C 47 3.54 -9.73 9.99
N PHE C 48 4.06 -9.20 11.10
CA PHE C 48 3.81 -7.83 11.57
C PHE C 48 4.40 -6.76 10.68
N GLN C 49 5.56 -7.01 10.09
CA GLN C 49 6.13 -6.07 9.11
C GLN C 49 5.15 -5.97 7.96
N GLU C 50 4.74 -7.12 7.42
CA GLU C 50 3.73 -7.15 6.37
C GLU C 50 2.54 -6.26 6.76
N GLU C 51 2.04 -6.43 7.98
CA GLU C 51 0.91 -5.64 8.48
C GLU C 51 1.18 -4.12 8.43
N ILE C 52 2.32 -3.67 8.96
CA ILE C 52 2.78 -2.29 8.85
C ILE C 52 2.82 -1.84 7.41
N GLN C 53 3.36 -2.68 6.53
CA GLN C 53 3.47 -2.35 5.11
C GLN C 53 2.08 -2.08 4.48
N LYS C 54 1.10 -2.92 4.83
CA LYS C 54 -0.25 -2.80 4.25
C LYS C 54 -1.01 -1.64 4.86
N LEU C 55 -0.98 -1.53 6.20
CA LEU C 55 -1.40 -0.29 6.92
C LEU C 55 -0.82 0.98 6.27
N ALA C 56 0.49 0.97 6.01
CA ALA C 56 1.23 2.08 5.38
C ALA C 56 0.44 2.94 4.38
N GLN C 57 -0.09 2.28 3.36
CA GLN C 57 -0.59 2.95 2.15
C GLN C 57 -1.89 3.74 2.34
N THR C 58 -2.30 3.82 3.59
CA THR C 58 -3.53 4.44 3.95
C THR C 58 -3.27 5.85 4.28
N GLY C 59 -2.01 6.19 4.42
CA GLY C 59 -1.66 7.51 4.90
C GLY C 59 -1.70 7.71 6.41
N GLN C 60 -2.17 6.73 7.14
CA GLN C 60 -2.31 6.86 8.59
C GLN C 60 -1.02 6.77 9.40
N PRO C 62 0.38 4.68 12.53
CA PRO C 62 0.12 3.50 13.36
C PRO C 62 -0.63 3.88 14.62
N ASP C 63 -1.72 3.18 14.88
CA ASP C 63 -2.57 3.48 16.04
C ASP C 63 -1.98 2.93 17.32
N ALA C 64 -2.66 3.19 18.45
CA ALA C 64 -2.20 2.73 19.78
C ALA C 64 -1.89 1.26 19.79
N SER C 65 -2.68 0.49 19.06
CA SER C 65 -2.61 -0.95 19.02
C SER C 65 -1.39 -1.45 18.26
N PHE C 66 -1.08 -0.77 17.14
CA PHE C 66 0.10 -1.09 16.34
C PHE C 66 1.35 -0.66 17.03
N GLN C 67 1.26 0.49 17.69
CA GLN C 67 2.35 1.00 18.49
C GLN C 67 2.65 0.04 19.61
N ALA C 68 1.61 -0.52 20.22
CA ALA C 68 1.80 -1.51 21.30
C ALA C 68 2.31 -2.86 20.79
N LYS C 69 1.90 -3.28 19.60
CA LYS C 69 2.46 -4.50 19.00
C LYS C 69 3.94 -4.33 18.79
N GLU C 71 5.95 -2.30 20.30
CA GLU C 71 6.52 -2.23 21.63
C GLU C 71 6.72 -3.60 22.24
N GLY C 72 5.77 -4.49 22.04
CA GLY C 72 5.89 -5.89 22.45
C GLY C 72 7.07 -6.59 21.78
N PHE C 73 7.19 -6.40 20.47
CA PHE C 73 8.25 -7.04 19.69
C PHE C 73 9.61 -6.51 20.07
N GLY C 74 9.69 -5.20 20.29
CA GLY C 74 10.89 -4.59 20.79
C GLY C 74 11.37 -5.26 22.04
N LYS C 75 10.49 -5.44 23.01
CA LYS C 75 10.84 -6.10 24.26
C LYS C 75 11.32 -7.53 24.00
N GLN C 76 10.67 -8.24 23.09
CA GLN C 76 11.01 -9.62 22.80
C GLN C 76 12.43 -9.74 22.16
N ILE C 77 12.71 -8.91 21.14
CA ILE C 77 14.03 -8.83 20.52
C ILE C 77 15.15 -8.48 21.53
N GLN C 78 14.87 -7.52 22.40
CA GLN C 78 15.85 -7.08 23.38
C GLN C 78 16.02 -8.12 24.48
N GLY C 79 14.98 -8.90 24.72
CA GLY C 79 15.02 -9.96 25.72
C GLY C 79 15.49 -11.27 25.16
N ASN C 80 15.62 -11.40 23.84
CA ASN C 80 16.12 -12.65 23.22
C ASN C 80 17.40 -12.38 22.51
N SER C 81 18.39 -13.17 22.89
CA SER C 81 19.79 -13.02 22.49
C SER C 81 20.07 -13.30 21.04
N LEU C 82 19.37 -14.27 20.47
CA LEU C 82 19.55 -14.64 19.06
C LEU C 82 18.92 -13.59 18.11
N LEU C 83 17.85 -12.97 18.59
CA LEU C 83 17.18 -11.89 17.90
C LEU C 83 17.96 -10.58 17.98
N SER C 84 18.49 -10.29 19.17
CA SER C 84 19.36 -9.10 19.35
C SER C 84 20.57 -9.15 18.41
N GLU C 85 21.25 -10.30 18.34
CA GLU C 85 22.39 -10.46 17.48
C GLU C 85 21.97 -10.23 16.03
N PHE C 86 20.85 -10.83 15.60
CA PHE C 86 20.38 -10.66 14.22
C PHE C 86 20.00 -9.23 13.82
N PHE C 87 19.24 -8.56 14.69
CA PHE C 87 18.76 -7.21 14.38
C PHE C 87 19.90 -6.23 14.36
N THR C 88 20.92 -6.43 15.20
CA THR C 88 22.13 -5.61 15.16
C THR C 88 22.96 -5.89 13.90
N LYS C 89 23.19 -7.13 13.56
CA LYS C 89 23.98 -7.43 12.37
C LYS C 89 23.25 -7.03 11.09
N GLN C 90 21.91 -7.07 11.13
CA GLN C 90 21.11 -6.70 9.98
C GLN C 90 21.22 -5.19 9.72
N GLN C 91 21.28 -4.36 10.75
CA GLN C 91 21.48 -2.92 10.49
C GLN C 91 22.72 -2.69 9.66
N GLN C 92 23.82 -3.38 9.99
CA GLN C 92 25.10 -3.15 9.34
C GLN C 92 25.12 -3.60 7.89
N LEU C 93 24.46 -4.69 7.62
CA LEU C 93 24.39 -5.21 6.26
C LEU C 93 23.46 -4.31 5.44
N ALA C 94 22.41 -3.79 6.09
CA ALA C 94 21.39 -2.99 5.42
C ALA C 94 22.00 -1.81 4.63
N ILE C 95 23.05 -1.20 5.18
CA ILE C 95 23.73 -0.08 4.51
C ILE C 95 24.32 -0.51 3.13
N TYR C 96 24.95 -1.69 3.07
CA TYR C 96 25.46 -2.24 1.82
C TYR C 96 24.34 -2.58 0.87
N LEU C 97 23.26 -3.19 1.35
CA LEU C 97 22.15 -3.54 0.47
C LEU C 97 21.52 -2.31 -0.14
N SER C 98 21.22 -1.32 0.70
CA SER C 98 20.78 0.02 0.27
C SER C 98 21.63 0.70 -0.78
N ASP C 99 22.91 0.83 -0.51
CA ASP C 99 23.82 1.38 -1.48
C ASP C 99 23.76 0.67 -2.83
N ILE C 100 23.66 -0.65 -2.85
CA ILE C 100 23.63 -1.37 -4.13
C ILE C 100 22.38 -0.96 -4.89
N GLU C 101 21.25 -0.99 -4.20
CA GLU C 101 20.01 -0.48 -4.73
C GLU C 101 20.20 0.96 -5.34
N LYS C 102 20.76 1.87 -4.54
CA LYS C 102 21.00 3.29 -4.91
C LYS C 102 21.88 3.43 -6.16
N ILE C 103 23.03 2.79 -6.10
CA ILE C 103 24.06 2.95 -7.10
C ILE C 103 23.70 2.22 -8.41
N VAL C 104 23.10 1.02 -8.31
CA VAL C 104 22.92 0.17 -9.50
C VAL C 104 21.55 0.42 -10.14
N PHE C 105 20.50 0.39 -9.34
CA PHE C 105 19.17 0.28 -9.90
C PHE C 105 18.39 1.58 -10.11
N GLU C 106 18.38 2.50 -9.14
CA GLU C 106 17.52 3.68 -9.29
C GLU C 106 17.85 4.60 -10.47
N PRO C 107 19.13 4.77 -10.83
CA PRO C 107 19.37 5.48 -12.13
C PRO C 107 18.77 4.84 -13.44
N VAL C 108 18.20 3.64 -13.36
CA VAL C 108 17.49 3.06 -14.51
C VAL C 108 16.10 2.49 -14.10
N SER C 109 15.28 3.28 -13.42
CA SER C 109 13.97 2.80 -12.99
C SER C 109 13.03 3.96 -12.75
N GLY D 1 -27.78 6.15 24.44
CA GLY D 1 -26.61 7.02 24.06
C GLY D 1 -25.84 6.39 22.92
N SER D 3 -26.87 3.57 22.31
CA SER D 3 -28.12 3.00 21.83
C SER D 3 -28.63 3.76 20.61
N ASN D 4 -28.67 5.09 20.71
CA ASN D 4 -29.22 5.93 19.62
C ASN D 4 -28.29 5.99 18.42
N ILE D 5 -27.00 5.80 18.66
CA ILE D 5 -26.03 5.69 17.58
C ILE D 5 -26.34 4.42 16.80
N TYR D 6 -26.48 3.32 17.49
CA TYR D 6 -26.97 2.08 16.89
C TYR D 6 -28.30 2.17 16.16
N ASP D 7 -29.29 2.87 16.71
CA ASP D 7 -30.52 3.10 15.99
C ASP D 7 -30.24 3.81 14.67
N SER D 8 -29.40 4.86 14.70
CA SER D 8 -29.08 5.66 13.49
C SER D 8 -28.34 4.84 12.41
N ALA D 9 -27.42 3.98 12.85
CA ALA D 9 -26.64 3.06 11.99
C ALA D 9 -27.56 2.07 11.36
N ASN D 10 -28.52 1.58 12.11
CA ASN D 10 -29.51 0.66 11.57
C ASN D 10 -30.48 1.34 10.59
N GLU D 11 -30.89 2.57 10.89
CA GLU D 11 -31.70 3.36 9.99
C GLU D 11 -30.99 3.72 8.69
N LEU D 12 -29.69 3.98 8.76
CA LEU D 12 -28.90 4.31 7.59
C LEU D 12 -28.77 3.12 6.64
N SER D 13 -28.68 1.90 7.20
CA SER D 13 -28.60 0.72 6.34
C SER D 13 -29.91 0.51 5.62
N ARG D 14 -31.02 0.71 6.32
CA ARG D 14 -32.36 0.66 5.69
C ARG D 14 -32.48 1.61 4.51
N GLY D 15 -31.99 2.82 4.67
CA GLY D 15 -32.04 3.81 3.60
C GLY D 15 -31.28 3.34 2.38
N LEU D 16 -30.11 2.82 2.65
CA LEU D 16 -29.29 2.23 1.62
C LEU D 16 -30.07 1.17 0.85
N ARG D 17 -30.72 0.25 1.57
CA ARG D 17 -31.55 -0.76 0.95
C ARG D 17 -32.75 -0.20 0.20
N GLY D 18 -33.21 0.98 0.60
CA GLY D 18 -34.30 1.66 -0.09
C GLY D 18 -33.88 2.38 -1.35
N LEU D 19 -32.58 2.52 -1.63
CA LEU D 19 -32.13 3.25 -2.81
C LEU D 19 -32.40 2.43 -4.03
N PRO D 20 -33.05 3.03 -5.05
CA PRO D 20 -33.30 2.38 -6.33
C PRO D 20 -32.00 1.96 -6.98
N GLU D 21 -30.97 2.74 -6.72
CA GLU D 21 -29.62 2.49 -7.08
C GLU D 21 -29.09 1.22 -6.42
N TYR D 22 -29.35 1.07 -5.14
CA TYR D 22 -28.99 -0.17 -4.45
C TYR D 22 -29.75 -1.33 -5.12
N LYS D 23 -31.08 -1.19 -5.15
CA LYS D 23 -31.95 -2.15 -5.79
C LYS D 23 -31.40 -2.57 -7.15
N ALA D 24 -30.82 -1.66 -7.93
CA ALA D 24 -30.45 -2.01 -9.32
C ALA D 24 -29.15 -2.84 -9.41
N VAL D 25 -28.22 -2.57 -8.48
CA VAL D 25 -26.97 -3.30 -8.40
C VAL D 25 -27.22 -4.72 -7.86
N LYS D 26 -28.19 -4.85 -6.93
CA LYS D 26 -28.57 -6.14 -6.37
C LYS D 26 -29.16 -7.01 -7.47
N ALA D 27 -30.08 -6.46 -8.27
CA ALA D 27 -30.62 -7.19 -9.40
C ALA D 27 -29.51 -7.55 -10.43
N ALA D 28 -28.55 -6.65 -10.62
CA ALA D 28 -27.49 -6.91 -11.58
C ALA D 28 -26.58 -8.02 -11.04
N LYS D 29 -26.30 -8.00 -9.73
CA LYS D 29 -25.32 -8.94 -9.15
C LYS D 29 -25.87 -10.34 -9.15
N ASP D 30 -27.16 -10.46 -8.89
CA ASP D 30 -27.83 -11.76 -8.89
C ASP D 30 -27.87 -12.35 -10.31
N ALA D 31 -28.16 -11.51 -11.31
CA ALA D 31 -28.24 -11.98 -12.70
C ALA D 31 -26.90 -12.55 -13.13
N ILE D 32 -25.83 -12.01 -12.53
CA ILE D 32 -24.45 -12.50 -12.74
C ILE D 32 -24.21 -13.88 -12.04
N ALA D 33 -24.68 -14.05 -10.81
CA ALA D 33 -24.59 -15.34 -10.10
C ALA D 33 -25.40 -16.46 -10.80
N ALA D 34 -26.58 -16.14 -11.31
CA ALA D 34 -27.28 -17.03 -12.23
C ALA D 34 -26.41 -17.50 -13.47
N ASP D 35 -25.47 -16.67 -13.95
CA ASP D 35 -24.62 -16.99 -15.15
C ASP D 35 -23.21 -17.47 -14.74
N ALA D 36 -22.83 -18.68 -15.18
CA ALA D 36 -21.56 -19.31 -14.75
C ALA D 36 -20.35 -18.61 -15.41
N GLU D 37 -20.56 -18.00 -16.57
CA GLU D 37 -19.50 -17.32 -17.30
C GLU D 37 -19.27 -15.86 -16.90
N ALA D 38 -20.33 -15.15 -16.52
CA ALA D 38 -20.19 -13.78 -16.02
C ALA D 38 -19.55 -13.84 -14.65
N SER D 39 -19.89 -14.87 -13.86
CA SER D 39 -19.28 -15.12 -12.55
C SER D 39 -17.78 -15.29 -12.67
N LYS D 40 -17.35 -16.05 -13.67
CA LYS D 40 -15.93 -16.30 -13.87
C LYS D 40 -15.20 -15.01 -14.27
N ILE D 41 -15.71 -14.27 -15.24
CA ILE D 41 -15.09 -12.97 -15.58
C ILE D 41 -15.08 -12.04 -14.36
N PHE D 42 -16.23 -11.92 -13.70
CA PHE D 42 -16.35 -11.13 -12.47
C PHE D 42 -15.33 -11.55 -11.41
N THR D 43 -15.30 -12.85 -11.08
CA THR D 43 -14.29 -13.37 -10.19
C THR D 43 -12.87 -12.99 -10.66
N ASP D 44 -12.62 -13.18 -11.95
CA ASP D 44 -11.29 -12.90 -12.52
C ASP D 44 -10.95 -11.41 -12.45
N TYR D 45 -11.89 -10.56 -12.85
CA TYR D 45 -11.75 -9.10 -12.67
C TYR D 45 -11.39 -8.68 -11.24
N LEU D 46 -12.07 -9.23 -10.24
CA LEU D 46 -11.80 -8.92 -8.83
C LEU D 46 -10.36 -9.25 -8.46
N ALA D 47 -9.88 -10.41 -8.89
CA ALA D 47 -8.48 -10.76 -8.62
C ALA D 47 -7.54 -9.79 -9.33
N PHE D 48 -7.96 -9.30 -10.51
CA PHE D 48 -7.14 -8.35 -11.26
C PHE D 48 -7.10 -6.99 -10.59
N GLN D 49 -8.20 -6.61 -9.96
CA GLN D 49 -8.27 -5.34 -9.22
C GLN D 49 -7.32 -5.35 -8.04
N GLU D 50 -7.29 -6.46 -7.31
CA GLU D 50 -6.44 -6.55 -6.14
C GLU D 50 -4.97 -6.62 -6.56
N GLU D 51 -4.71 -7.17 -7.75
CA GLU D 51 -3.40 -7.03 -8.38
C GLU D 51 -3.02 -5.56 -8.63
N ILE D 52 -3.94 -4.80 -9.22
CA ILE D 52 -3.76 -3.36 -9.46
C ILE D 52 -3.44 -2.58 -8.17
N GLN D 53 -4.15 -2.89 -7.08
CA GLN D 53 -3.99 -2.14 -5.83
C GLN D 53 -2.85 -2.63 -4.95
N LYS D 54 -2.19 -3.71 -5.33
CA LYS D 54 -0.85 -4.00 -4.81
C LYS D 54 0.22 -3.00 -5.37
N LEU D 55 -0.03 -2.39 -6.52
CA LEU D 55 0.80 -1.28 -7.00
C LEU D 55 0.57 0.01 -6.18
N ALA D 56 -0.54 0.06 -5.45
CA ALA D 56 -0.84 1.17 -4.55
C ALA D 56 0.31 1.49 -3.57
N GLN D 57 1.03 0.47 -3.12
CA GLN D 57 2.11 0.66 -2.15
C GLN D 57 3.52 0.64 -2.78
N THR D 58 3.61 0.53 -4.10
CA THR D 58 4.87 0.74 -4.83
C THR D 58 4.88 2.11 -5.55
N GLY D 59 3.70 2.71 -5.72
CA GLY D 59 3.59 3.99 -6.42
C GLY D 59 4.10 3.93 -7.86
N GLN D 60 4.06 2.74 -8.44
CA GLN D 60 4.47 2.52 -9.82
C GLN D 60 3.24 2.44 -10.71
N PRO D 62 0.82 1.17 -13.75
CA PRO D 62 0.57 -0.07 -14.49
C PRO D 62 1.25 -0.03 -15.88
N ASP D 63 2.04 -1.08 -16.12
CA ASP D 63 2.88 -1.18 -17.29
C ASP D 63 2.08 -1.73 -18.49
N ALA D 64 2.75 -2.01 -19.61
CA ALA D 64 2.09 -2.55 -20.79
C ALA D 64 1.29 -3.85 -20.53
N SER D 65 1.72 -4.68 -19.58
CA SER D 65 1.02 -5.93 -19.32
C SER D 65 -0.30 -5.72 -18.57
N PHE D 66 -0.31 -4.75 -17.63
CA PHE D 66 -1.51 -4.42 -16.85
C PHE D 66 -2.50 -3.70 -17.75
N GLN D 67 -1.97 -2.77 -18.58
CA GLN D 67 -2.75 -2.08 -19.61
C GLN D 67 -3.35 -3.05 -20.62
N ALA D 68 -2.56 -3.99 -21.09
CA ALA D 68 -3.07 -5.02 -21.99
C ALA D 68 -4.19 -5.82 -21.31
N LYS D 69 -3.97 -6.20 -20.06
CA LYS D 69 -4.95 -6.95 -19.28
C LYS D 69 -6.27 -6.22 -19.11
N GLU D 71 -7.41 -3.77 -20.99
CA GLU D 71 -8.07 -3.67 -22.30
C GLU D 71 -9.00 -4.90 -22.49
N GLY D 72 -8.41 -6.08 -22.23
CA GLY D 72 -9.12 -7.34 -22.26
C GLY D 72 -10.34 -7.38 -21.36
N PHE D 73 -10.16 -7.05 -20.09
CA PHE D 73 -11.29 -7.07 -19.17
C PHE D 73 -12.40 -6.12 -19.62
N GLY D 74 -12.01 -4.95 -20.12
CA GLY D 74 -12.91 -3.95 -20.69
C GLY D 74 -13.69 -4.40 -21.92
N LYS D 75 -13.11 -5.26 -22.76
CA LYS D 75 -13.82 -5.79 -23.92
C LYS D 75 -14.82 -6.85 -23.42
N GLN D 76 -14.39 -7.66 -22.46
CA GLN D 76 -15.25 -8.67 -21.88
C GLN D 76 -16.45 -8.02 -21.18
N ILE D 77 -16.22 -6.89 -20.51
CA ILE D 77 -17.28 -6.18 -19.81
C ILE D 77 -18.26 -5.58 -20.79
N GLN D 78 -17.75 -4.95 -21.84
CA GLN D 78 -18.63 -4.22 -22.75
C GLN D 78 -19.47 -5.20 -23.61
N GLY D 79 -18.88 -6.33 -23.98
CA GLY D 79 -19.59 -7.32 -24.74
C GLY D 79 -20.33 -8.36 -23.91
N ASN D 80 -20.46 -8.16 -22.61
CA ASN D 80 -21.28 -9.06 -21.78
C ASN D 80 -22.24 -8.20 -20.98
N SER D 81 -23.52 -8.33 -21.32
CA SER D 81 -24.48 -7.32 -20.92
C SER D 81 -24.89 -7.47 -19.44
N LEU D 82 -24.67 -8.64 -18.88
CA LEU D 82 -24.79 -8.82 -17.42
C LEU D 82 -23.72 -8.03 -16.70
N LEU D 83 -22.50 -8.13 -17.22
CA LEU D 83 -21.36 -7.37 -16.72
C LEU D 83 -21.53 -5.88 -16.97
N SER D 84 -21.95 -5.49 -18.17
CA SER D 84 -22.06 -4.09 -18.46
C SER D 84 -23.23 -3.52 -17.67
N GLU D 85 -24.32 -4.24 -17.53
CA GLU D 85 -25.40 -3.71 -16.67
C GLU D 85 -24.93 -3.49 -15.20
N PHE D 86 -24.11 -4.41 -14.68
CA PHE D 86 -23.66 -4.27 -13.30
C PHE D 86 -22.70 -3.09 -13.16
N PHE D 87 -21.75 -2.95 -14.09
CA PHE D 87 -20.72 -1.88 -14.00
C PHE D 87 -21.30 -0.45 -14.07
N THR D 88 -22.23 -0.25 -15.00
CA THR D 88 -22.98 0.99 -15.12
C THR D 88 -23.80 1.28 -13.87
N LYS D 89 -24.41 0.26 -13.28
CA LYS D 89 -25.27 0.50 -12.12
C LYS D 89 -24.50 0.66 -10.84
N GLN D 90 -23.39 -0.07 -10.71
CA GLN D 90 -22.53 0.13 -9.52
C GLN D 90 -21.93 1.55 -9.45
N GLN D 91 -21.63 2.14 -10.59
CA GLN D 91 -21.17 3.52 -10.64
C GLN D 91 -22.19 4.47 -9.99
N GLN D 92 -23.47 4.30 -10.31
CA GLN D 92 -24.50 5.14 -9.71
C GLN D 92 -24.63 4.92 -8.19
N LEU D 93 -24.48 3.69 -7.72
CA LEU D 93 -24.54 3.40 -6.28
C LEU D 93 -23.31 3.93 -5.57
N ALA D 94 -22.19 3.86 -6.27
CA ALA D 94 -20.92 4.21 -5.69
C ALA D 94 -20.92 5.61 -5.01
N ILE D 95 -21.56 6.59 -5.66
CA ILE D 95 -21.60 7.99 -5.14
C ILE D 95 -22.16 8.09 -3.72
N TYR D 96 -23.26 7.38 -3.50
CA TYR D 96 -23.89 7.32 -2.21
C TYR D 96 -22.97 6.69 -1.16
N LEU D 97 -22.29 5.64 -1.56
CA LEU D 97 -21.44 4.88 -0.67
C LEU D 97 -20.22 5.70 -0.23
N SER D 98 -19.57 6.36 -1.19
CA SER D 98 -18.47 7.26 -0.88
C SER D 98 -18.94 8.50 -0.10
N ASP D 99 -20.12 9.00 -0.35
CA ASP D 99 -20.75 10.02 0.54
C ASP D 99 -20.93 9.56 1.99
N ILE D 100 -21.30 8.31 2.22
CA ILE D 100 -21.49 7.80 3.57
C ILE D 100 -20.07 7.75 4.23
N GLU D 101 -19.14 7.05 3.56
CA GLU D 101 -17.71 7.02 3.91
C GLU D 101 -17.30 8.38 4.41
N LYS D 102 -17.58 9.42 3.62
CA LYS D 102 -17.11 10.78 3.86
C LYS D 102 -17.72 11.43 5.09
N ILE D 103 -19.04 11.37 5.16
CA ILE D 103 -19.80 11.98 6.26
C ILE D 103 -19.61 11.27 7.63
N VAL D 104 -19.39 9.96 7.62
CA VAL D 104 -19.41 9.19 8.85
C VAL D 104 -18.06 8.56 9.29
N PHE D 105 -17.29 7.98 8.37
CA PHE D 105 -16.18 7.08 8.74
C PHE D 105 -14.74 7.65 8.57
N GLU D 106 -14.54 8.37 7.46
CA GLU D 106 -13.31 9.09 7.13
C GLU D 106 -12.82 10.07 8.21
N PRO D 107 -13.72 10.88 8.83
CA PRO D 107 -13.27 11.77 9.92
C PRO D 107 -12.46 11.11 11.09
N VAL D 108 -12.88 9.95 11.56
CA VAL D 108 -12.11 9.23 12.61
C VAL D 108 -10.72 8.79 12.07
N SER D 109 -10.72 8.22 10.87
CA SER D 109 -9.46 7.89 10.19
C SER D 109 -8.48 9.05 9.97
N GLU D 110 -9.03 10.23 9.64
CA GLU D 110 -8.26 11.47 9.38
C GLU D 110 -7.51 11.98 10.60
N LEU D 111 -8.02 11.61 11.76
CA LEU D 111 -7.34 11.86 13.02
C LEU D 111 -5.90 11.32 12.97
N LEU D 112 -5.67 10.28 12.15
CA LEU D 112 -4.35 9.67 12.00
C LEU D 112 -3.55 10.17 10.79
N LYS D 113 -4.19 10.91 9.89
CA LYS D 113 -3.51 11.47 8.70
C LYS D 113 -3.02 12.89 8.97
#